data_2W24
#
_entry.id   2W24
#
_cell.length_a   100.980
_cell.length_b   100.980
_cell.length_c   99.311
_cell.angle_alpha   90.00
_cell.angle_beta   90.00
_cell.angle_gamma   90.00
#
_symmetry.space_group_name_H-M   'P 42 21 2'
#
loop_
_entity.id
_entity.type
_entity.pdbx_description
1 polymer 'PROBABLE TRANSCRIPTIONAL REGULATORY PROTEIN'
2 non-polymer LYSINE
3 water water
#
_entity_poly.entity_id   1
_entity_poly.type   'polypeptide(L)'
_entity_poly.pdbx_seq_one_letter_code
;MNEALDDIDRILVRELAADGRATLSELATRAGLSVSAVQSRVRRLESRGVVQGYSARINPEAVGHLLSAFVAITPLDPSQ
PDDAPARLEHIEEVESCYSVAGEESYVLLVRVASARALEDLLQRIRTTANVRTRSTIILNTFYSDRQHIP
;
_entity_poly.pdbx_strand_id   A,B
#
# COMPACT_ATOMS: atom_id res chain seq x y z
N ALA A 4 7.18 -8.03 21.59
CA ALA A 4 6.52 -9.19 22.26
C ALA A 4 5.25 -9.67 21.50
N LEU A 5 5.39 -10.72 20.64
CA LEU A 5 4.27 -11.34 19.83
C LEU A 5 4.18 -12.88 19.85
N ASP A 6 3.28 -13.48 20.65
CA ASP A 6 3.17 -14.95 20.74
C ASP A 6 2.58 -15.54 19.47
N ASP A 7 2.48 -16.87 19.41
CA ASP A 7 1.89 -17.59 18.30
C ASP A 7 0.44 -17.22 17.99
N ILE A 8 -0.32 -16.83 19.03
CA ILE A 8 -1.74 -16.54 18.90
C ILE A 8 -1.86 -15.21 18.15
N ASP A 9 -1.13 -14.20 18.60
CA ASP A 9 -1.13 -12.93 17.91
C ASP A 9 -0.70 -13.07 16.44
N ARG A 10 0.15 -14.03 16.14
CA ARG A 10 0.61 -14.23 14.77
C ARG A 10 -0.51 -14.70 13.88
N ILE A 11 -1.23 -15.73 14.32
CA ILE A 11 -2.49 -16.10 13.65
C ILE A 11 -3.49 -14.92 13.50
N LEU A 12 -3.72 -14.13 14.54
CA LEU A 12 -4.70 -13.07 14.38
C LEU A 12 -4.31 -12.02 13.32
N VAL A 13 -3.03 -11.57 13.32
CA VAL A 13 -2.54 -10.57 12.39
C VAL A 13 -2.47 -11.11 10.99
N ARG A 14 -2.07 -12.37 10.85
CA ARG A 14 -2.16 -13.02 9.56
C ARG A 14 -3.60 -13.10 9.00
N GLU A 15 -4.60 -13.57 9.77
CA GLU A 15 -5.99 -13.60 9.28
C GLU A 15 -6.53 -12.21 9.04
N LEU A 16 -6.18 -11.25 9.88
CA LEU A 16 -6.77 -9.92 9.65
C LEU A 16 -6.13 -9.24 8.41
N ALA A 17 -4.88 -9.65 8.08
CA ALA A 17 -4.21 -9.25 6.83
C ALA A 17 -4.97 -9.80 5.62
N ALA A 18 -5.30 -11.09 5.65
CA ALA A 18 -6.07 -11.75 4.57
C ALA A 18 -7.51 -11.25 4.55
N ASP A 19 -8.07 -10.81 5.67
CA ASP A 19 -9.49 -10.42 5.66
C ASP A 19 -9.82 -9.55 6.85
N GLY A 20 -9.85 -8.25 6.63
CA GLY A 20 -9.93 -7.30 7.73
C GLY A 20 -11.33 -7.13 8.26
N ARG A 21 -12.30 -7.78 7.61
CA ARG A 21 -13.68 -7.82 8.10
C ARG A 21 -13.97 -9.17 8.77
N ALA A 22 -12.98 -10.02 8.96
CA ALA A 22 -13.23 -11.30 9.63
C ALA A 22 -14.00 -11.02 10.93
N THR A 23 -15.08 -11.77 11.15
CA THR A 23 -15.82 -11.58 12.41
C THR A 23 -15.05 -12.18 13.58
N LEU A 24 -15.30 -11.58 14.73
CA LEU A 24 -14.65 -12.01 15.96
C LEU A 24 -14.89 -13.51 16.17
N SER A 25 -16.10 -14.02 15.93
CA SER A 25 -16.35 -15.47 16.09
C SER A 25 -15.52 -16.33 15.16
N GLU A 26 -15.41 -15.92 13.91
CA GLU A 26 -14.53 -16.64 12.97
C GLU A 26 -13.06 -16.62 13.43
N LEU A 27 -12.57 -15.49 13.92
CA LEU A 27 -11.19 -15.44 14.47
C LEU A 27 -11.00 -16.35 15.65
N ALA A 28 -11.93 -16.27 16.62
CA ALA A 28 -12.03 -17.20 17.81
C ALA A 28 -11.89 -18.68 17.49
N THR A 29 -12.64 -19.16 16.50
CA THR A 29 -12.62 -20.57 16.28
C THR A 29 -11.37 -21.01 15.54
N ARG A 30 -10.72 -20.09 14.82
CA ARG A 30 -9.40 -20.31 14.21
C ARG A 30 -8.23 -20.22 15.18
N ALA A 31 -8.29 -19.36 16.18
CA ALA A 31 -7.23 -19.33 17.19
C ALA A 31 -7.48 -20.28 18.39
N GLY A 32 -8.66 -20.93 18.44
CA GLY A 32 -9.08 -21.75 19.59
C GLY A 32 -9.22 -20.93 20.86
N LEU A 33 -9.88 -19.78 20.78
CA LEU A 33 -10.12 -18.94 21.96
C LEU A 33 -11.59 -18.62 22.01
N SER A 34 -12.01 -17.96 23.10
CA SER A 34 -13.32 -17.35 23.16
C SER A 34 -13.38 -16.01 22.38
N VAL A 35 -14.59 -15.58 22.04
CA VAL A 35 -14.78 -14.39 21.29
C VAL A 35 -14.27 -13.24 22.12
N SER A 36 -14.44 -13.30 23.42
CA SER A 36 -13.93 -12.27 24.35
C SER A 36 -12.42 -12.14 24.41
N ALA A 37 -11.75 -13.28 24.48
CA ALA A 37 -10.29 -13.31 24.48
C ALA A 37 -9.76 -12.77 23.10
N VAL A 38 -10.47 -13.05 22.00
CA VAL A 38 -10.11 -12.51 20.69
C VAL A 38 -10.23 -11.00 20.70
N GLN A 39 -11.34 -10.50 21.16
CA GLN A 39 -11.58 -9.08 21.10
C GLN A 39 -10.47 -8.35 21.81
N SER A 40 -10.15 -8.87 22.96
CA SER A 40 -9.28 -8.21 23.84
C SER A 40 -7.78 -8.27 23.35
N ARG A 41 -7.34 -9.42 22.82
CA ARG A 41 -6.11 -9.56 22.09
C ARG A 41 -6.03 -8.63 20.83
N VAL A 42 -7.12 -8.51 20.05
CA VAL A 42 -7.16 -7.63 18.88
C VAL A 42 -6.96 -6.20 19.27
N ARG A 43 -7.70 -5.73 20.28
CA ARG A 43 -7.52 -4.40 20.93
C ARG A 43 -6.12 -4.13 21.48
N ARG A 44 -5.45 -5.13 22.01
CA ARG A 44 -4.10 -4.95 22.47
C ARG A 44 -3.13 -4.64 21.27
N LEU A 45 -3.17 -5.47 20.21
CA LEU A 45 -2.60 -5.26 18.89
C LEU A 45 -2.89 -3.85 18.36
N GLU A 46 -4.14 -3.40 18.41
CA GLU A 46 -4.41 -2.09 17.90
C GLU A 46 -3.75 -0.99 18.74
N SER A 47 -3.78 -1.10 20.06
CA SER A 47 -3.27 -0.01 20.89
C SER A 47 -1.72 0.02 20.92
N ARG A 48 -1.07 -1.15 20.70
CA ARG A 48 0.36 -1.16 20.47
C ARG A 48 0.67 -0.83 19.01
N GLY A 49 1.89 -1.07 18.56
CA GLY A 49 2.10 -0.69 17.15
C GLY A 49 1.26 -1.43 16.08
N VAL A 50 0.79 -2.63 16.41
CA VAL A 50 0.75 -3.69 15.43
C VAL A 50 -0.25 -3.59 14.28
N VAL A 51 -1.49 -3.21 14.57
CA VAL A 51 -2.51 -3.09 13.56
C VAL A 51 -2.81 -1.58 13.53
N GLN A 52 -2.64 -0.97 12.34
CA GLN A 52 -2.60 0.51 12.24
C GLN A 52 -3.91 0.98 11.76
N GLY A 53 -4.77 0.07 11.33
CA GLY A 53 -6.12 0.48 10.94
C GLY A 53 -6.60 -0.62 10.00
N TYR A 54 -7.79 -0.41 9.44
CA TYR A 54 -8.34 -1.37 8.53
C TYR A 54 -8.83 -0.59 7.32
N SER A 55 -8.65 -1.11 6.11
CA SER A 55 -8.99 -0.37 4.89
C SER A 55 -9.60 -1.33 3.90
N ALA A 56 -10.66 -0.89 3.22
CA ALA A 56 -11.07 -1.53 1.93
C ALA A 56 -10.02 -1.22 0.84
N ARG A 57 -9.57 -2.23 0.10
CA ARG A 57 -8.67 -2.02 -1.03
C ARG A 57 -9.56 -1.59 -2.25
N ILE A 58 -9.47 -0.29 -2.59
CA ILE A 58 -10.19 0.29 -3.74
C ILE A 58 -9.40 0.23 -5.05
N ASN A 59 -10.08 -0.12 -6.14
CA ASN A 59 -9.49 -0.14 -7.49
C ASN A 59 -9.32 1.29 -7.93
N PRO A 60 -8.06 1.74 -8.12
CA PRO A 60 -7.94 3.18 -8.36
C PRO A 60 -8.48 3.53 -9.77
N GLU A 61 -8.33 2.63 -10.74
CA GLU A 61 -8.97 2.86 -12.05
C GLU A 61 -10.46 3.04 -12.03
N ALA A 62 -11.18 2.30 -11.18
CA ALA A 62 -12.63 2.44 -11.09
C ALA A 62 -13.06 3.73 -10.43
N VAL A 63 -12.27 4.36 -9.59
CA VAL A 63 -12.73 5.64 -9.11
C VAL A 63 -12.16 6.76 -9.92
N GLY A 64 -11.49 6.46 -11.04
CA GLY A 64 -11.01 7.57 -11.88
C GLY A 64 -9.55 8.02 -11.86
N HIS A 65 -8.72 7.38 -11.05
CA HIS A 65 -7.28 7.56 -11.08
C HIS A 65 -6.68 6.65 -12.14
N LEU A 66 -6.66 7.14 -13.37
CA LEU A 66 -6.12 6.34 -14.45
C LEU A 66 -4.60 6.44 -14.60
N LEU A 67 -3.91 7.33 -13.87
CA LEU A 67 -2.45 7.44 -13.98
C LEU A 67 -1.86 7.47 -12.59
N SER A 68 -0.85 6.68 -12.37
CA SER A 68 -0.19 6.65 -11.10
C SER A 68 1.28 6.85 -11.34
N ALA A 69 2.02 7.42 -10.41
CA ALA A 69 3.43 7.62 -10.62
C ALA A 69 4.21 7.62 -9.32
N PHE A 70 5.49 7.25 -9.40
CA PHE A 70 6.40 7.49 -8.32
C PHE A 70 7.04 8.82 -8.56
N VAL A 71 7.11 9.64 -7.52
CA VAL A 71 7.82 10.85 -7.70
C VAL A 71 8.86 10.96 -6.66
N ALA A 72 10.12 11.00 -7.08
CA ALA A 72 11.19 11.17 -6.10
C ALA A 72 11.47 12.70 -5.96
N ILE A 73 11.65 13.19 -4.73
CA ILE A 73 11.82 14.61 -4.54
C ILE A 73 13.06 14.90 -3.73
N THR A 74 13.69 15.99 -4.11
CA THR A 74 14.82 16.47 -3.34
C THR A 74 14.79 17.99 -3.14
N PRO A 75 15.02 18.48 -1.90
CA PRO A 75 15.06 19.95 -1.48
C PRO A 75 15.88 20.81 -2.39
N LEU A 76 15.27 21.88 -2.90
CA LEU A 76 15.94 22.89 -3.71
C LEU A 76 17.02 23.61 -2.88
N ASP A 77 16.82 23.58 -1.57
CA ASP A 77 17.76 24.09 -0.63
C ASP A 77 17.68 23.26 0.64
N PRO A 78 18.67 22.39 0.86
CA PRO A 78 18.76 21.36 1.97
C PRO A 78 19.10 21.83 3.41
N SER A 79 19.29 23.15 3.57
CA SER A 79 19.28 23.77 4.94
C SER A 79 17.88 23.62 5.62
N GLN A 80 16.89 24.47 5.27
CA GLN A 80 15.56 24.50 5.96
C GLN A 80 15.20 23.12 6.46
N PRO A 81 14.98 22.96 7.80
CA PRO A 81 15.00 21.52 8.23
C PRO A 81 13.79 20.90 7.55
N ASP A 82 13.84 19.58 7.44
CA ASP A 82 13.05 18.92 6.48
C ASP A 82 11.60 18.74 6.87
N ASP A 83 10.79 19.37 6.03
CA ASP A 83 9.44 19.79 6.24
C ASP A 83 8.52 18.92 5.35
N ALA A 84 9.09 18.49 4.22
CA ALA A 84 8.36 18.02 3.04
C ALA A 84 7.19 17.06 3.30
N PRO A 85 7.40 15.98 4.07
CA PRO A 85 6.23 15.15 4.36
C PRO A 85 5.05 15.87 5.01
N ALA A 86 5.33 16.74 5.98
CA ALA A 86 4.29 17.56 6.67
C ALA A 86 3.56 18.48 5.69
N ARG A 87 4.32 19.31 4.97
CA ARG A 87 3.72 20.15 3.97
C ARG A 87 2.95 19.41 2.82
N LEU A 88 3.26 18.15 2.50
CA LEU A 88 2.59 17.46 1.35
C LEU A 88 1.36 16.67 1.80
N GLU A 89 1.22 16.58 3.11
CA GLU A 89 0.18 15.84 3.75
C GLU A 89 -1.18 16.38 3.32
N HIS A 90 -1.24 17.64 2.93
CA HIS A 90 -2.52 18.21 2.57
C HIS A 90 -2.86 18.15 1.09
N ILE A 91 -1.97 17.53 0.30
CA ILE A 91 -2.25 17.20 -1.10
C ILE A 91 -2.83 15.80 -1.17
N GLU A 92 -4.07 15.69 -1.57
CA GLU A 92 -4.77 14.45 -1.36
C GLU A 92 -4.37 13.44 -2.40
N GLU A 93 -3.87 13.92 -3.53
CA GLU A 93 -3.40 12.94 -4.44
C GLU A 93 -2.08 12.26 -4.11
N VAL A 94 -1.39 12.71 -3.06
CA VAL A 94 -0.32 11.89 -2.60
C VAL A 94 -0.73 10.77 -1.64
N GLU A 95 -0.57 9.53 -2.05
CA GLU A 95 -1.01 8.41 -1.29
C GLU A 95 0.06 7.85 -0.36
N SER A 96 1.37 8.05 -0.63
CA SER A 96 2.43 7.53 0.27
C SER A 96 3.63 8.40 0.23
N CYS A 97 4.44 8.32 1.25
CA CYS A 97 5.58 9.18 1.36
C CYS A 97 6.63 8.47 2.21
N TYR A 98 7.78 8.24 1.60
CA TYR A 98 8.86 7.50 2.25
C TYR A 98 10.11 8.35 2.17
N SER A 99 10.92 8.42 3.23
CA SER A 99 12.28 8.96 3.00
C SER A 99 13.18 7.77 2.66
N VAL A 100 14.30 8.04 2.02
CA VAL A 100 15.01 7.04 1.23
C VAL A 100 16.49 7.41 1.29
N ALA A 101 17.37 6.42 1.24
CA ALA A 101 18.74 6.73 1.13
C ALA A 101 19.13 6.97 -0.33
N GLY A 102 20.23 7.67 -0.60
CA GLY A 102 20.74 7.90 -1.91
C GLY A 102 20.64 9.36 -2.32
N GLU A 103 20.47 9.59 -3.60
CA GLU A 103 20.63 10.95 -4.13
C GLU A 103 19.39 11.79 -3.81
N GLU A 104 18.22 11.18 -3.70
CA GLU A 104 16.92 11.82 -3.46
C GLU A 104 16.51 11.66 -2.00
N SER A 105 15.64 12.53 -1.44
CA SER A 105 15.29 12.36 -0.02
C SER A 105 13.95 11.72 0.26
N TYR A 106 12.94 11.93 -0.60
CA TYR A 106 11.70 11.17 -0.46
C TYR A 106 11.18 10.62 -1.74
N VAL A 107 10.37 9.57 -1.61
CA VAL A 107 9.70 9.00 -2.74
C VAL A 107 8.19 9.07 -2.38
N LEU A 108 7.39 9.60 -3.31
CA LEU A 108 5.94 9.64 -3.19
C LEU A 108 5.31 8.72 -4.22
N LEU A 109 4.15 8.18 -3.88
CA LEU A 109 3.32 7.57 -4.88
C LEU A 109 2.11 8.45 -4.97
N VAL A 110 1.72 8.71 -6.19
CA VAL A 110 0.75 9.76 -6.46
C VAL A 110 -0.24 9.18 -7.47
N ARG A 111 -1.51 9.57 -7.34
CA ARG A 111 -2.53 9.08 -8.30
C ARG A 111 -3.39 10.19 -8.83
N VAL A 112 -3.69 10.14 -10.12
CA VAL A 112 -4.24 11.34 -10.78
C VAL A 112 -5.13 10.90 -11.95
N ALA A 113 -5.84 11.80 -12.55
CA ALA A 113 -6.85 11.43 -13.58
C ALA A 113 -6.25 11.30 -14.97
N SER A 114 -5.18 12.04 -15.26
CA SER A 114 -4.66 12.07 -16.63
C SER A 114 -3.27 12.71 -16.64
N ALA A 115 -2.67 12.79 -17.84
CA ALA A 115 -1.39 13.44 -18.05
C ALA A 115 -1.46 14.92 -17.66
N ARG A 116 -2.48 15.66 -18.09
CA ARG A 116 -2.52 17.07 -17.69
C ARG A 116 -2.72 17.22 -16.21
N ALA A 117 -3.44 16.29 -15.57
CA ALA A 117 -3.57 16.44 -14.13
C ALA A 117 -2.21 16.08 -13.52
N LEU A 118 -1.45 15.15 -14.14
CA LEU A 118 -0.09 14.96 -13.58
C LEU A 118 0.75 16.23 -13.69
N GLU A 119 0.78 16.92 -14.82
CA GLU A 119 1.57 18.17 -14.77
C GLU A 119 1.20 19.23 -13.76
N ASP A 120 -0.07 19.33 -13.43
CA ASP A 120 -0.51 20.35 -12.56
C ASP A 120 -0.06 19.98 -11.18
N LEU A 121 -0.21 18.69 -10.85
CA LEU A 121 0.23 18.15 -9.55
C LEU A 121 1.74 18.28 -9.32
N LEU A 122 2.56 18.06 -10.38
CA LEU A 122 4.02 18.16 -10.14
C LEU A 122 4.40 19.61 -9.79
N GLN A 123 3.72 20.55 -10.47
CA GLN A 123 3.82 21.98 -10.05
C GLN A 123 3.44 22.19 -8.62
N ARG A 124 2.27 21.75 -8.19
CA ARG A 124 1.91 21.91 -6.79
C ARG A 124 2.93 21.30 -5.90
N ILE A 125 3.43 20.09 -6.18
CA ILE A 125 4.47 19.51 -5.35
C ILE A 125 5.76 20.37 -5.35
N ARG A 126 6.24 20.78 -6.52
CA ARG A 126 7.49 21.62 -6.55
C ARG A 126 7.27 22.82 -5.65
N THR A 127 6.12 23.48 -5.76
CA THR A 127 5.97 24.65 -4.95
C THR A 127 5.61 24.46 -3.48
N THR A 128 4.74 23.53 -3.13
CA THR A 128 4.51 23.38 -1.73
C THR A 128 5.67 22.79 -0.95
N ALA A 129 6.61 22.06 -1.53
CA ALA A 129 7.70 21.55 -0.68
C ALA A 129 9.06 22.15 -1.05
N ASN A 130 9.06 22.92 -2.12
CA ASN A 130 10.26 23.55 -2.57
C ASN A 130 11.36 22.52 -2.95
N VAL A 131 11.10 21.77 -4.03
CA VAL A 131 11.71 20.46 -4.21
C VAL A 131 11.90 20.31 -5.72
N ARG A 132 12.97 19.66 -6.19
CA ARG A 132 12.87 19.15 -7.60
C ARG A 132 12.23 17.80 -7.61
N THR A 133 11.62 17.44 -8.74
CA THR A 133 10.90 16.17 -8.82
C THR A 133 11.47 15.30 -9.90
N ARG A 134 11.47 13.97 -9.73
CA ARG A 134 11.83 13.06 -10.88
C ARG A 134 10.72 12.02 -10.88
N SER A 135 10.04 11.85 -12.00
CA SER A 135 8.78 11.12 -12.05
C SER A 135 8.97 9.86 -12.76
N THR A 136 8.34 8.80 -12.26
CA THR A 136 8.39 7.49 -12.93
C THR A 136 6.97 7.00 -13.02
N ILE A 137 6.42 7.05 -14.24
CA ILE A 137 4.96 6.71 -14.46
C ILE A 137 4.84 5.21 -14.32
N ILE A 138 3.80 4.76 -13.68
CA ILE A 138 3.51 3.38 -13.58
C ILE A 138 2.65 2.93 -14.77
N LEU A 139 3.00 1.83 -15.45
CA LEU A 139 2.22 1.37 -16.64
C LEU A 139 1.20 0.31 -16.24
N ASN A 140 1.52 -0.51 -15.22
CA ASN A 140 0.69 -1.58 -14.76
C ASN A 140 1.10 -2.08 -13.36
N THR A 141 0.13 -2.39 -12.50
CA THR A 141 0.37 -2.97 -11.17
C THR A 141 0.11 -4.47 -11.30
N PHE A 142 1.12 -5.34 -11.19
CA PHE A 142 0.86 -6.75 -11.22
C PHE A 142 0.25 -7.29 -9.94
N TYR A 143 0.61 -6.73 -8.79
CA TYR A 143 0.06 -7.15 -7.49
C TYR A 143 0.66 -6.10 -6.57
N SER A 144 -0.07 -5.74 -5.53
CA SER A 144 0.46 -4.82 -4.57
C SER A 144 -0.02 -5.16 -3.17
N ASP A 145 0.57 -4.53 -2.16
CA ASP A 145 0.02 -4.75 -0.82
C ASP A 145 -0.04 -6.23 -0.41
N ARG A 146 0.80 -7.07 -0.91
CA ARG A 146 0.62 -8.38 -0.45
C ARG A 146 1.44 -8.58 0.83
N GLN A 147 0.81 -8.36 2.00
CA GLN A 147 1.49 -8.37 3.32
C GLN A 147 1.96 -9.75 3.72
N HIS A 148 3.12 -9.86 4.38
CA HIS A 148 3.75 -11.16 4.69
C HIS A 148 4.03 -11.23 6.19
N ILE A 149 3.40 -12.21 6.87
CA ILE A 149 3.65 -12.42 8.31
C ILE A 149 4.47 -13.70 8.44
N PRO A 150 5.76 -13.54 8.84
CA PRO A 150 6.81 -14.59 8.92
C PRO A 150 6.62 -15.63 10.05
N ALA B 4 -20.52 4.88 -14.99
CA ALA B 4 -21.03 5.44 -13.70
C ALA B 4 -20.28 4.93 -12.45
N LEU B 5 -20.11 5.81 -11.47
CA LEU B 5 -19.99 5.40 -10.08
C LEU B 5 -20.92 6.34 -9.33
N ASP B 6 -22.18 5.94 -9.28
CA ASP B 6 -23.20 6.62 -8.51
C ASP B 6 -22.59 7.14 -7.20
N ASP B 7 -22.82 8.39 -6.85
CA ASP B 7 -22.14 8.91 -5.66
C ASP B 7 -22.86 8.71 -4.31
N ILE B 8 -23.79 7.76 -4.26
CA ILE B 8 -24.04 7.07 -3.00
C ILE B 8 -22.77 6.20 -2.72
N ASP B 9 -22.31 5.49 -3.77
CA ASP B 9 -21.04 4.73 -3.74
C ASP B 9 -19.75 5.53 -3.44
N ARG B 10 -19.62 6.75 -3.95
CA ARG B 10 -18.56 7.65 -3.51
C ARG B 10 -18.45 7.70 -1.98
N ILE B 11 -19.49 8.12 -1.26
CA ILE B 11 -19.46 8.09 0.21
C ILE B 11 -19.19 6.69 0.77
N LEU B 12 -19.74 5.66 0.13
CA LEU B 12 -19.55 4.29 0.60
C LEU B 12 -18.08 3.82 0.55
N VAL B 13 -17.43 3.97 -0.62
CA VAL B 13 -16.04 3.62 -0.77
C VAL B 13 -15.15 4.57 0.05
N ARG B 14 -15.56 5.82 0.18
CA ARG B 14 -14.83 6.74 1.03
C ARG B 14 -14.76 6.26 2.45
N GLU B 15 -15.93 5.85 2.98
CA GLU B 15 -16.09 5.34 4.35
C GLU B 15 -15.33 4.04 4.64
N LEU B 16 -15.28 3.17 3.63
CA LEU B 16 -14.68 1.88 3.72
C LEU B 16 -13.16 1.93 3.57
N ALA B 17 -12.66 3.03 3.02
CA ALA B 17 -11.23 3.20 2.77
C ALA B 17 -10.66 3.73 4.06
N ALA B 18 -11.34 4.66 4.69
CA ALA B 18 -10.94 5.10 6.05
C ALA B 18 -11.16 4.04 7.14
N ASP B 19 -12.19 3.20 6.98
CA ASP B 19 -12.50 2.15 7.97
C ASP B 19 -13.02 0.87 7.37
N GLY B 20 -12.16 -0.11 7.21
CA GLY B 20 -12.57 -1.37 6.63
C GLY B 20 -13.47 -2.23 7.50
N ARG B 21 -13.54 -1.93 8.81
CA ARG B 21 -14.41 -2.64 9.75
C ARG B 21 -15.67 -1.88 10.10
N ALA B 22 -15.73 -0.57 9.82
CA ALA B 22 -17.02 0.14 9.80
C ALA B 22 -18.15 -0.86 9.54
N THR B 23 -19.13 -0.89 10.44
CA THR B 23 -20.24 -1.88 10.42
C THR B 23 -21.35 -1.52 9.43
N LEU B 24 -21.96 -2.53 8.77
CA LEU B 24 -23.06 -2.30 7.77
C LEU B 24 -24.17 -1.36 8.34
N SER B 25 -24.41 -1.48 9.65
CA SER B 25 -25.25 -0.57 10.46
C SER B 25 -24.74 0.89 10.41
N GLU B 26 -23.76 1.26 11.25
CA GLU B 26 -23.17 2.63 11.32
C GLU B 26 -22.83 3.27 9.96
N LEU B 27 -22.74 2.48 8.88
CA LEU B 27 -22.56 3.06 7.55
C LEU B 27 -23.83 3.79 7.18
N ALA B 28 -24.92 3.03 7.01
CA ALA B 28 -26.27 3.56 6.72
C ALA B 28 -26.73 4.87 7.41
N THR B 29 -26.33 5.16 8.66
CA THR B 29 -26.58 6.50 9.26
C THR B 29 -25.83 7.63 8.51
N ARG B 30 -24.51 7.72 8.65
CA ARG B 30 -23.71 8.64 7.81
C ARG B 30 -24.03 8.50 6.29
N ALA B 31 -24.42 7.30 5.84
CA ALA B 31 -24.68 7.00 4.39
C ALA B 31 -26.06 7.38 3.80
N GLY B 32 -27.04 7.65 4.69
CA GLY B 32 -28.40 8.05 4.32
C GLY B 32 -29.24 6.99 3.60
N LEU B 33 -28.95 5.71 3.84
CA LEU B 33 -29.72 4.62 3.23
C LEU B 33 -30.25 3.60 4.26
N SER B 34 -31.12 2.70 3.80
CA SER B 34 -31.56 1.58 4.63
C SER B 34 -30.40 0.59 4.77
N VAL B 35 -30.19 0.13 6.00
CA VAL B 35 -29.29 -1.00 6.31
C VAL B 35 -29.33 -2.15 5.29
N SER B 36 -30.42 -2.22 4.52
CA SER B 36 -30.58 -3.27 3.51
C SER B 36 -30.02 -2.83 2.16
N ALA B 37 -30.33 -1.58 1.78
CA ALA B 37 -29.82 -0.94 0.56
C ALA B 37 -28.28 -0.90 0.57
N VAL B 38 -27.69 -0.30 1.62
CA VAL B 38 -26.24 -0.29 1.86
C VAL B 38 -25.62 -1.68 1.70
N GLN B 39 -26.21 -2.65 2.38
CA GLN B 39 -25.67 -3.98 2.36
C GLN B 39 -25.64 -4.54 0.95
N SER B 40 -26.49 -4.02 0.09
CA SER B 40 -26.59 -4.56 -1.28
C SER B 40 -25.57 -3.89 -2.17
N ARG B 41 -25.56 -2.56 -2.11
CA ARG B 41 -24.53 -1.70 -2.68
C ARG B 41 -23.13 -2.32 -2.46
N VAL B 42 -22.71 -2.37 -1.19
CA VAL B 42 -21.43 -2.96 -0.79
C VAL B 42 -21.17 -4.29 -1.49
N ARG B 43 -22.22 -5.10 -1.72
CA ARG B 43 -22.04 -6.44 -2.34
C ARG B 43 -21.84 -6.38 -3.87
N ARG B 44 -22.37 -5.33 -4.49
CA ARG B 44 -22.28 -5.12 -5.96
C ARG B 44 -20.95 -4.42 -6.26
N LEU B 45 -20.54 -3.57 -5.31
CA LEU B 45 -19.22 -2.95 -5.33
C LEU B 45 -18.09 -3.99 -5.33
N GLU B 46 -18.23 -5.11 -4.61
CA GLU B 46 -17.18 -6.16 -4.62
C GLU B 46 -17.25 -7.03 -5.87
N SER B 47 -18.47 -7.26 -6.33
CA SER B 47 -18.76 -8.08 -7.52
C SER B 47 -18.14 -7.51 -8.82
N ARG B 48 -18.56 -6.29 -9.23
CA ARG B 48 -17.79 -5.44 -10.14
C ARG B 48 -16.55 -5.07 -9.31
N GLY B 49 -15.33 -5.16 -9.82
CA GLY B 49 -14.16 -4.99 -8.91
C GLY B 49 -13.77 -3.60 -8.40
N VAL B 50 -14.66 -2.93 -7.66
CA VAL B 50 -14.36 -1.62 -7.08
C VAL B 50 -13.70 -1.73 -5.69
N VAL B 51 -14.23 -2.61 -4.82
CA VAL B 51 -13.53 -3.01 -3.63
C VAL B 51 -13.04 -4.43 -3.84
N GLN B 52 -11.74 -4.63 -3.65
CA GLN B 52 -11.12 -5.92 -3.99
C GLN B 52 -10.87 -6.81 -2.81
N GLY B 53 -11.09 -6.31 -1.59
CA GLY B 53 -10.52 -6.95 -0.44
C GLY B 53 -10.65 -6.01 0.71
N TYR B 54 -10.39 -6.55 1.90
CA TYR B 54 -10.39 -5.78 3.12
C TYR B 54 -9.14 -6.20 3.82
N SER B 55 -8.37 -5.25 4.35
CA SER B 55 -7.14 -5.70 4.98
C SER B 55 -6.83 -4.89 6.21
N ALA B 56 -6.24 -5.50 7.22
CA ALA B 56 -5.75 -4.72 8.29
C ALA B 56 -4.35 -4.30 7.84
N ARG B 57 -3.94 -3.14 8.30
CA ARG B 57 -2.65 -2.59 8.00
C ARG B 57 -1.67 -2.99 9.08
N ILE B 58 -0.79 -3.92 8.76
CA ILE B 58 0.19 -4.33 9.73
C ILE B 58 1.47 -3.52 9.72
N ASN B 59 1.86 -2.91 10.84
CA ASN B 59 3.24 -2.42 11.04
C ASN B 59 4.27 -3.49 10.72
N PRO B 60 5.10 -3.30 9.65
CA PRO B 60 6.11 -4.35 9.33
C PRO B 60 7.31 -4.43 10.30
N GLU B 61 7.65 -3.36 10.98
CA GLU B 61 8.69 -3.47 12.02
C GLU B 61 8.33 -4.42 13.10
N ALA B 62 7.08 -4.28 13.56
CA ALA B 62 6.51 -5.04 14.68
C ALA B 62 6.44 -6.50 14.40
N VAL B 63 6.61 -6.87 13.15
CA VAL B 63 6.47 -8.25 12.71
C VAL B 63 7.83 -8.79 12.24
N GLY B 64 8.89 -8.03 12.52
CA GLY B 64 10.25 -8.48 12.18
C GLY B 64 10.88 -7.93 10.88
N HIS B 65 10.16 -7.09 10.14
CA HIS B 65 10.67 -6.48 8.87
C HIS B 65 11.24 -5.08 9.13
N LEU B 66 12.51 -5.05 9.54
CA LEU B 66 13.20 -3.82 9.96
C LEU B 66 13.82 -3.05 8.76
N LEU B 67 13.84 -3.64 7.56
CA LEU B 67 14.38 -2.99 6.42
C LEU B 67 13.47 -3.21 5.21
N SER B 68 12.98 -2.10 4.65
CA SER B 68 12.22 -2.10 3.45
C SER B 68 13.02 -1.44 2.29
N ALA B 69 12.73 -1.76 1.01
CA ALA B 69 13.49 -1.20 -0.12
C ALA B 69 12.64 -1.24 -1.37
N PHE B 70 12.86 -0.29 -2.31
CA PHE B 70 12.37 -0.41 -3.66
C PHE B 70 13.47 -1.11 -4.41
N VAL B 71 13.13 -2.06 -5.23
CA VAL B 71 14.21 -2.72 -5.91
C VAL B 71 13.82 -2.58 -7.33
N ALA B 72 14.64 -1.90 -8.12
CA ALA B 72 14.27 -1.69 -9.51
C ALA B 72 14.99 -2.78 -10.35
N ILE B 73 14.28 -3.40 -11.28
CA ILE B 73 14.85 -4.53 -12.01
C ILE B 73 14.68 -4.40 -13.52
N THR B 74 15.58 -5.01 -14.26
CA THR B 74 15.53 -4.95 -15.71
C THR B 74 15.99 -6.30 -16.18
N PRO B 75 15.19 -6.99 -17.04
CA PRO B 75 15.69 -8.30 -17.57
C PRO B 75 17.07 -8.20 -18.27
N LEU B 76 17.87 -9.25 -18.14
CA LEU B 76 19.26 -9.25 -18.74
C LEU B 76 19.32 -9.57 -20.21
N ASP B 77 18.43 -10.50 -20.59
CA ASP B 77 18.28 -11.00 -21.95
C ASP B 77 16.94 -10.62 -22.62
N PRO B 78 16.96 -9.65 -23.51
CA PRO B 78 15.68 -9.32 -24.14
C PRO B 78 15.18 -10.30 -25.27
N SER B 79 15.93 -11.37 -25.56
CA SER B 79 15.39 -12.38 -26.46
C SER B 79 14.52 -13.38 -25.72
N GLN B 80 14.45 -13.35 -24.39
CA GLN B 80 13.62 -14.32 -23.65
C GLN B 80 12.31 -13.66 -23.34
N PRO B 81 11.22 -14.43 -23.19
CA PRO B 81 9.98 -13.78 -22.74
C PRO B 81 10.13 -12.99 -21.45
N ASP B 82 9.53 -11.82 -21.38
CA ASP B 82 9.68 -11.00 -20.18
C ASP B 82 8.53 -11.26 -19.26
N ASP B 83 8.70 -12.26 -18.38
CA ASP B 83 7.71 -12.71 -17.40
C ASP B 83 8.14 -12.51 -15.89
N ALA B 84 9.01 -11.55 -15.58
CA ALA B 84 9.54 -11.44 -14.21
C ALA B 84 8.45 -11.33 -13.11
N PRO B 85 7.33 -10.61 -13.36
CA PRO B 85 6.30 -10.64 -12.31
C PRO B 85 5.81 -12.05 -11.96
N ALA B 86 5.56 -12.88 -12.97
CA ALA B 86 5.08 -14.23 -12.73
C ALA B 86 6.20 -15.04 -12.06
N ARG B 87 7.44 -14.85 -12.45
CA ARG B 87 8.50 -15.54 -11.74
C ARG B 87 8.87 -15.11 -10.33
N LEU B 88 8.48 -13.92 -9.90
CA LEU B 88 8.85 -13.49 -8.58
C LEU B 88 7.67 -13.59 -7.68
N GLU B 89 6.57 -14.04 -8.25
CA GLU B 89 5.32 -13.99 -7.51
C GLU B 89 5.37 -14.96 -6.31
N HIS B 90 6.19 -16.00 -6.39
CA HIS B 90 6.24 -16.93 -5.31
C HIS B 90 7.15 -16.40 -4.19
N ILE B 91 7.89 -15.30 -4.41
CA ILE B 91 8.80 -14.83 -3.38
C ILE B 91 8.00 -13.93 -2.48
N GLU B 92 7.87 -14.32 -1.23
CA GLU B 92 6.90 -13.69 -0.37
C GLU B 92 7.35 -12.35 0.10
N GLU B 93 8.64 -12.10 0.16
CA GLU B 93 8.98 -10.77 0.60
C GLU B 93 8.78 -9.65 -0.45
N VAL B 94 8.48 -10.01 -1.72
CA VAL B 94 8.04 -8.99 -2.61
C VAL B 94 6.58 -8.70 -2.35
N GLU B 95 6.31 -7.52 -1.83
CA GLU B 95 5.01 -7.08 -1.53
C GLU B 95 4.28 -6.41 -2.72
N SER B 96 5.02 -5.79 -3.65
CA SER B 96 4.39 -5.11 -4.80
C SER B 96 5.31 -5.21 -5.95
N CYS B 97 4.72 -5.32 -7.12
CA CYS B 97 5.48 -5.35 -8.33
C CYS B 97 4.77 -4.47 -9.41
N TYR B 98 5.46 -3.48 -9.97
CA TYR B 98 4.89 -2.53 -10.97
C TYR B 98 5.78 -2.55 -12.19
N SER B 99 5.19 -2.43 -13.41
CA SER B 99 6.00 -2.12 -14.58
C SER B 99 6.01 -0.64 -14.66
N VAL B 100 7.08 -0.10 -15.21
CA VAL B 100 7.27 1.34 -15.02
C VAL B 100 7.77 1.98 -16.32
N ALA B 101 7.62 3.30 -16.52
CA ALA B 101 8.36 3.99 -17.62
C ALA B 101 9.42 4.83 -17.01
N GLY B 102 10.64 4.36 -17.08
CA GLY B 102 11.80 4.94 -16.42
C GLY B 102 13.07 4.33 -16.96
N GLU B 103 14.03 4.14 -16.04
CA GLU B 103 15.34 3.55 -16.39
C GLU B 103 15.32 2.02 -16.37
N GLU B 104 14.43 1.50 -15.56
CA GLU B 104 14.28 0.10 -15.22
C GLU B 104 12.90 -0.32 -15.75
N SER B 105 12.62 -1.61 -15.80
CA SER B 105 11.40 -2.17 -16.35
C SER B 105 10.42 -2.34 -15.27
N TYR B 106 10.88 -2.72 -14.07
CA TYR B 106 9.93 -2.89 -13.02
C TYR B 106 10.43 -2.29 -11.76
N VAL B 107 9.50 -2.01 -10.84
CA VAL B 107 9.85 -1.64 -9.52
C VAL B 107 9.15 -2.57 -8.54
N LEU B 108 9.87 -3.06 -7.52
CA LEU B 108 9.32 -3.97 -6.50
C LEU B 108 9.34 -3.27 -5.19
N LEU B 109 8.42 -3.50 -4.28
CA LEU B 109 8.70 -3.10 -2.92
C LEU B 109 8.86 -4.42 -2.09
N VAL B 110 9.86 -4.43 -1.24
CA VAL B 110 10.39 -5.65 -0.69
C VAL B 110 10.58 -5.34 0.80
N ARG B 111 10.30 -6.31 1.66
CA ARG B 111 10.62 -6.12 3.11
C ARG B 111 11.35 -7.31 3.68
N VAL B 112 12.16 -7.09 4.68
CA VAL B 112 13.23 -8.04 4.96
C VAL B 112 13.71 -7.73 6.39
N ALA B 113 14.40 -8.71 6.94
CA ALA B 113 14.72 -8.68 8.39
C ALA B 113 15.90 -7.73 8.65
N SER B 114 16.83 -7.63 7.70
CA SER B 114 18.00 -6.81 7.88
C SER B 114 18.74 -6.60 6.53
N ALA B 115 19.78 -5.77 6.60
CA ALA B 115 20.69 -5.51 5.49
C ALA B 115 21.27 -6.78 4.89
N ARG B 116 21.62 -7.71 5.73
CA ARG B 116 22.16 -8.98 5.25
C ARG B 116 21.13 -9.84 4.62
N ALA B 117 19.94 -9.93 5.19
CA ALA B 117 18.88 -10.62 4.47
C ALA B 117 18.58 -9.92 3.08
N LEU B 118 18.67 -8.57 2.97
CA LEU B 118 18.45 -7.94 1.66
C LEU B 118 19.42 -8.46 0.60
N GLU B 119 20.68 -8.61 0.99
CA GLU B 119 21.62 -9.16 0.05
C GLU B 119 21.27 -10.55 -0.46
N ASP B 120 20.85 -11.40 0.44
CA ASP B 120 20.26 -12.66 0.06
C ASP B 120 19.08 -12.57 -0.87
N LEU B 121 18.12 -11.76 -0.48
CA LEU B 121 16.95 -11.64 -1.31
C LEU B 121 17.32 -11.17 -2.74
N LEU B 122 18.29 -10.27 -2.88
CA LEU B 122 18.69 -9.72 -4.19
C LEU B 122 19.33 -10.74 -5.06
N GLN B 123 20.08 -11.66 -4.45
CA GLN B 123 20.75 -12.73 -5.18
C GLN B 123 19.66 -13.70 -5.69
N ARG B 124 18.67 -13.91 -4.88
CA ARG B 124 17.58 -14.72 -5.26
C ARG B 124 16.70 -14.04 -6.32
N ILE B 125 16.35 -12.77 -6.15
CA ILE B 125 15.71 -12.08 -7.27
C ILE B 125 16.54 -12.17 -8.57
N ARG B 126 17.83 -11.85 -8.52
CA ARG B 126 18.66 -11.97 -9.73
C ARG B 126 18.58 -13.34 -10.39
N THR B 127 18.78 -14.43 -9.64
CA THR B 127 18.90 -15.75 -10.31
C THR B 127 17.52 -16.25 -10.71
N THR B 128 16.51 -16.07 -9.85
CA THR B 128 15.17 -16.47 -10.29
C THR B 128 14.51 -15.74 -11.48
N ALA B 129 14.34 -14.41 -11.51
CA ALA B 129 13.84 -13.69 -12.70
C ALA B 129 15.12 -13.60 -13.50
N ASN B 130 15.28 -13.03 -14.66
CA ASN B 130 16.77 -13.02 -14.96
C ASN B 130 17.28 -11.55 -15.06
N VAL B 131 17.43 -10.93 -13.89
CA VAL B 131 17.39 -9.44 -13.85
C VAL B 131 18.59 -8.81 -13.23
N ARG B 132 18.97 -7.61 -13.67
CA ARG B 132 19.81 -6.84 -12.79
C ARG B 132 18.99 -6.09 -11.72
N THR B 133 19.61 -5.81 -10.56
CA THR B 133 18.87 -5.13 -9.49
C THR B 133 19.43 -3.76 -9.15
N ARG B 134 18.56 -2.83 -8.77
CA ARG B 134 19.11 -1.58 -8.29
C ARG B 134 18.18 -1.25 -7.12
N SER B 135 18.74 -1.14 -5.94
CA SER B 135 17.85 -0.93 -4.82
C SER B 135 18.05 0.37 -4.09
N THR B 136 16.91 0.90 -3.60
CA THR B 136 16.80 2.12 -2.85
C THR B 136 16.20 1.83 -1.49
N ILE B 137 16.93 2.01 -0.42
CA ILE B 137 16.50 1.64 0.93
C ILE B 137 15.57 2.68 1.52
N ILE B 138 14.44 2.22 2.08
CA ILE B 138 13.49 3.11 2.69
C ILE B 138 13.97 3.37 4.14
N LEU B 139 14.17 4.61 4.53
CA LEU B 139 14.52 4.87 5.94
C LEU B 139 13.26 4.99 6.87
N ASN B 140 12.19 5.60 6.39
CA ASN B 140 11.04 5.78 7.20
C ASN B 140 9.77 5.94 6.34
N THR B 141 8.63 5.38 6.71
CA THR B 141 7.33 5.57 6.06
C THR B 141 6.51 6.66 6.78
N PHE B 142 6.30 7.84 6.21
CA PHE B 142 5.57 8.88 6.91
C PHE B 142 4.08 8.57 6.85
N TYR B 143 3.62 8.02 5.73
CA TYR B 143 2.23 7.57 5.60
C TYR B 143 2.15 6.77 4.34
N SER B 144 1.16 5.92 4.28
CA SER B 144 1.19 4.91 3.30
C SER B 144 -0.32 4.60 3.00
N ASP B 145 -0.68 4.14 1.81
CA ASP B 145 -2.10 3.97 1.37
C ASP B 145 -3.18 4.92 1.89
N ARG B 146 -2.95 6.25 1.89
CA ARG B 146 -4.03 7.16 2.11
C ARG B 146 -4.74 7.19 0.76
N GLN B 147 -5.70 6.30 0.54
CA GLN B 147 -6.53 6.29 -0.66
C GLN B 147 -7.47 7.49 -0.75
N HIS B 148 -7.56 8.03 -1.94
CA HIS B 148 -8.24 9.28 -2.18
C HIS B 148 -9.39 9.00 -3.16
N ILE B 149 -10.61 9.39 -2.76
CA ILE B 149 -11.82 9.24 -3.60
C ILE B 149 -12.36 10.63 -3.92
N PRO B 150 -12.28 11.02 -5.20
CA PRO B 150 -12.53 12.41 -5.64
C PRO B 150 -13.99 12.86 -5.43
N LYS C . 18.78 11.05 0.66
CA LYS C . 19.54 11.37 1.90
C LYS C . 20.81 10.48 2.04
O LYS C . 20.93 9.41 1.44
CB LYS C . 18.64 11.19 3.14
CG LYS C . 17.65 12.30 3.42
CD LYS C . 16.77 11.88 4.60
CE LYS C . 15.37 12.53 4.57
NZ LYS C . 15.46 14.05 4.47
#